data_5AK2
#
_entry.id   5AK2
#
_cell.length_a   106.070
_cell.length_b   51.290
_cell.length_c   83.310
_cell.angle_alpha   90.00
_cell.angle_beta   91.45
_cell.angle_gamma   90.00
#
_symmetry.space_group_name_H-M   'C 1 2 1'
#
loop_
_entity.id
_entity.type
_entity.pdbx_description
1 polymer 'ESTROGEN RECEPTOR'
2 non-polymer '(E)-3-[4-[[3-(4-fluoranyl-2-methyl-phenyl)-7-oxidanyl-2-oxidanylidene-chromen-4-yl]methyl]phenyl]prop-2-enoic acid'
3 water water
#
_entity_poly.entity_id   1
_entity_poly.type   'polypeptide(L)'
_entity_poly.pdbx_seq_one_letter_code
;MHHHHHHGGGENLYFQGSHMALSLTADQMVSALLDAEPPILYSEYDPTRPFSEASMMGLLTNLADRELVHMINWAKRVPG
FVDLTLHDQVHLLESAWLEILMIGLVWRSMEHPGKLLFAPNLLLDRNQGKSVEGMVEIFDMLLATSSRFRMMNLQGEEFV
CLKSIILLNSGVYTFLSSTLKSLEEKDHIHRVLDKITDTLIHLMAKAGLTLQQQHQRLAQLLLILSHIRHMSNKGMEHLY
SMKSKNVVPSYDLLLEMLDAHRLHAPTS
;
_entity_poly.pdbx_strand_id   A,B
#
loop_
_chem_comp.id
_chem_comp.type
_chem_comp.name
_chem_comp.formula
85Z non-polymer '(E)-3-[4-[[3-(4-fluoranyl-2-methyl-phenyl)-7-oxidanyl-2-oxidanylidene-chromen-4-yl]methyl]phenyl]prop-2-enoic acid' 'C26 H19 F O5'
#
# COMPACT_ATOMS: atom_id res chain seq x y z
N GLY A 17 -14.06 -22.09 -24.81
CA GLY A 17 -14.77 -21.89 -23.49
C GLY A 17 -14.20 -20.74 -22.71
N SER A 18 -14.68 -20.56 -21.48
CA SER A 18 -14.22 -19.47 -20.63
C SER A 18 -14.11 -19.94 -19.16
N HIS A 19 -12.91 -19.83 -18.56
CA HIS A 19 -12.73 -20.16 -17.13
C HIS A 19 -13.07 -18.91 -16.33
N MET A 20 -14.03 -19.03 -15.41
CA MET A 20 -14.29 -17.99 -14.43
C MET A 20 -13.06 -17.89 -13.54
N ALA A 21 -12.72 -16.67 -13.18
CA ALA A 21 -11.51 -16.36 -12.40
C ALA A 21 -11.41 -17.09 -11.05
N LEU A 22 -12.54 -17.14 -10.33
CA LEU A 22 -12.62 -17.81 -9.04
C LEU A 22 -12.60 -19.32 -9.10
N SER A 23 -12.56 -19.88 -10.31
CA SER A 23 -12.40 -21.33 -10.48
C SER A 23 -10.95 -21.77 -10.74
N LEU A 24 -10.04 -20.81 -10.95
CA LEU A 24 -8.72 -21.16 -11.36
C LEU A 24 -7.94 -21.85 -10.24
N THR A 25 -7.16 -22.85 -10.62
CA THR A 25 -6.19 -23.37 -9.71
C THR A 25 -5.00 -22.38 -9.66
N ALA A 26 -4.14 -22.55 -8.68
CA ALA A 26 -2.94 -21.74 -8.56
C ALA A 26 -2.07 -21.78 -9.82
N ASP A 27 -1.91 -22.97 -10.39
CA ASP A 27 -1.09 -23.15 -11.61
C ASP A 27 -1.72 -22.52 -12.83
N GLN A 28 -3.04 -22.67 -12.97
CA GLN A 28 -3.75 -21.96 -14.04
C GLN A 28 -3.69 -20.43 -13.91
N MET A 29 -3.76 -19.91 -12.67
CA MET A 29 -3.57 -18.44 -12.43
C MET A 29 -2.17 -17.97 -12.82
N VAL A 30 -1.16 -18.70 -12.44
CA VAL A 30 0.23 -18.38 -12.77
C VAL A 30 0.39 -18.36 -14.30
N SER A 31 -0.18 -19.38 -14.95
CA SER A 31 -0.05 -19.54 -16.40
C SER A 31 -0.79 -18.42 -17.09
N ALA A 32 -1.94 -18.02 -16.55
CA ALA A 32 -2.72 -16.91 -17.18
C ALA A 32 -1.95 -15.56 -17.10
N LEU A 33 -1.29 -15.32 -15.97
CA LEU A 33 -0.53 -14.08 -15.76
C LEU A 33 0.78 -14.02 -16.59
N LEU A 34 1.52 -15.12 -16.60
CA LEU A 34 2.74 -15.23 -17.43
C LEU A 34 2.43 -15.04 -18.88
N ASP A 35 1.38 -15.70 -19.37
CA ASP A 35 0.89 -15.53 -20.75
C ASP A 35 0.41 -14.13 -21.04
N ALA A 36 -0.14 -13.42 -20.06
CA ALA A 36 -0.54 -12.01 -20.29
C ALA A 36 0.61 -10.95 -20.29
N GLU A 37 1.83 -11.31 -19.92
CA GLU A 37 2.88 -10.27 -19.79
C GLU A 37 3.03 -9.38 -21.05
N PRO A 38 3.09 -8.07 -20.86
CA PRO A 38 3.44 -7.26 -22.01
C PRO A 38 4.92 -7.45 -22.43
N PRO A 39 5.27 -7.07 -23.66
CA PRO A 39 6.69 -7.11 -24.02
C PRO A 39 7.49 -5.99 -23.39
N ILE A 40 8.79 -6.15 -23.34
CA ILE A 40 9.68 -5.06 -23.00
C ILE A 40 9.84 -4.13 -24.22
N LEU A 41 9.46 -2.86 -24.09
CA LEU A 41 9.63 -1.89 -25.18
C LEU A 41 10.98 -1.17 -25.12
N TYR A 42 11.37 -0.64 -26.27
CA TYR A 42 12.56 0.21 -26.40
C TYR A 42 12.23 1.68 -26.35
N SER A 43 13.22 2.45 -25.92
CA SER A 43 13.23 3.89 -26.03
C SER A 43 13.35 4.30 -27.51
N GLU A 44 12.81 5.47 -27.85
CA GLU A 44 12.92 6.03 -29.20
C GLU A 44 14.40 6.45 -29.51
N SER A 55 14.27 16.82 -22.25
CA SER A 55 14.62 15.78 -23.22
C SER A 55 14.75 14.34 -22.68
N MET A 56 15.30 14.20 -21.47
CA MET A 56 15.20 12.97 -20.67
C MET A 56 13.69 12.67 -20.55
N MET A 57 12.93 13.68 -20.15
CA MET A 57 11.50 13.54 -19.89
C MET A 57 10.66 13.17 -21.09
N GLY A 58 10.97 13.82 -22.22
CA GLY A 58 10.31 13.51 -23.48
C GLY A 58 10.49 12.05 -23.86
N LEU A 59 11.71 11.56 -23.73
CA LEU A 59 11.98 10.14 -23.97
C LEU A 59 11.20 9.20 -23.03
N LEU A 60 11.17 9.54 -21.73
CA LEU A 60 10.47 8.73 -20.72
C LEU A 60 8.96 8.70 -20.96
N THR A 61 8.40 9.87 -21.31
CA THR A 61 6.97 10.00 -21.57
C THR A 61 6.55 9.17 -22.79
N ASN A 62 7.27 9.35 -23.89
CA ASN A 62 7.04 8.52 -25.05
C ASN A 62 7.02 7.04 -24.68
N LEU A 63 8.00 6.60 -23.87
CA LEU A 63 8.08 5.20 -23.48
C LEU A 63 6.84 4.76 -22.71
N ALA A 64 6.49 5.54 -21.68
CA ALA A 64 5.36 5.29 -20.83
C ALA A 64 4.10 5.25 -21.66
N ASP A 65 3.92 6.28 -22.49
CA ASP A 65 2.79 6.31 -23.41
C ASP A 65 2.66 5.01 -24.16
N ARG A 66 3.75 4.55 -24.76
CA ARG A 66 3.66 3.30 -25.53
C ARG A 66 3.39 2.08 -24.66
N GLU A 67 4.03 2.07 -23.47
CA GLU A 67 3.80 1.02 -22.50
C GLU A 67 2.33 0.91 -22.10
N LEU A 68 1.67 2.04 -22.04
CA LEU A 68 0.30 2.20 -21.62
C LEU A 68 -0.70 1.39 -22.45
N VAL A 69 -0.51 1.44 -23.77
CA VAL A 69 -1.36 0.75 -24.72
C VAL A 69 -1.27 -0.74 -24.41
N HIS A 70 -0.04 -1.24 -24.23
CA HIS A 70 0.15 -2.61 -23.76
C HIS A 70 -0.37 -2.96 -22.39
N MET A 71 -0.26 -2.04 -21.46
CA MET A 71 -0.82 -2.28 -20.11
C MET A 71 -2.32 -2.59 -20.17
N ILE A 72 -3.01 -1.91 -21.06
CA ILE A 72 -4.41 -2.05 -21.20
C ILE A 72 -4.78 -3.44 -21.68
N ASN A 73 -4.04 -3.94 -22.67
CA ASN A 73 -4.21 -5.27 -23.17
C ASN A 73 -3.91 -6.26 -22.06
N TRP A 74 -2.86 -6.02 -21.28
CA TRP A 74 -2.51 -6.91 -20.19
C TRP A 74 -3.62 -6.92 -19.17
N ALA A 75 -4.11 -5.72 -18.85
CA ALA A 75 -5.04 -5.56 -17.75
C ALA A 75 -6.31 -6.40 -17.96
N LYS A 76 -6.79 -6.44 -19.20
CA LYS A 76 -7.97 -7.21 -19.56
C LYS A 76 -7.80 -8.71 -19.56
N ARG A 77 -6.55 -9.14 -19.50
CA ARG A 77 -6.25 -10.52 -19.37
C ARG A 77 -5.96 -10.89 -17.94
N VAL A 78 -6.06 -9.95 -16.99
CA VAL A 78 -5.96 -10.30 -15.59
C VAL A 78 -7.29 -10.98 -15.22
N PRO A 79 -7.25 -12.26 -14.79
CA PRO A 79 -8.50 -12.91 -14.42
C PRO A 79 -9.33 -12.07 -13.42
N GLY A 80 -10.60 -11.96 -13.76
CA GLY A 80 -11.54 -11.18 -12.97
C GLY A 80 -11.75 -9.72 -13.38
N PHE A 81 -10.78 -9.16 -14.11
CA PHE A 81 -10.81 -7.75 -14.45
C PHE A 81 -12.00 -7.38 -15.36
N VAL A 82 -12.16 -8.06 -16.49
CA VAL A 82 -13.33 -7.79 -17.37
C VAL A 82 -14.70 -8.16 -16.83
N ASP A 83 -14.73 -8.82 -15.66
CA ASP A 83 -16.00 -9.05 -14.94
C ASP A 83 -16.55 -7.79 -14.35
N LEU A 84 -15.67 -6.80 -14.14
CA LEU A 84 -16.09 -5.52 -13.56
C LEU A 84 -16.79 -4.65 -14.58
N THR A 85 -17.57 -3.72 -14.11
CA THR A 85 -18.13 -2.73 -15.03
C THR A 85 -16.95 -1.97 -15.64
N LEU A 86 -17.19 -1.41 -16.79
CA LEU A 86 -16.20 -0.61 -17.49
C LEU A 86 -15.73 0.55 -16.65
N HIS A 87 -16.65 1.18 -15.94
CA HIS A 87 -16.34 2.32 -15.12
C HIS A 87 -15.44 1.91 -13.96
N ASP A 88 -15.77 0.81 -13.30
CA ASP A 88 -14.86 0.22 -12.32
C ASP A 88 -13.46 -0.17 -12.88
N GLN A 89 -13.42 -0.64 -14.13
CA GLN A 89 -12.13 -0.98 -14.72
C GLN A 89 -11.21 0.25 -14.85
N VAL A 90 -11.79 1.37 -15.23
CA VAL A 90 -11.03 2.59 -15.48
C VAL A 90 -10.54 3.17 -14.13
N HIS A 91 -11.43 3.15 -13.14
CA HIS A 91 -11.05 3.52 -11.75
C HIS A 91 -9.82 2.73 -11.28
N LEU A 92 -9.86 1.42 -11.41
CA LEU A 92 -8.70 0.62 -11.01
C LEU A 92 -7.43 1.01 -11.79
N LEU A 93 -7.56 1.19 -13.12
CA LEU A 93 -6.44 1.60 -13.96
C LEU A 93 -5.96 3.02 -13.70
N GLU A 94 -6.88 3.95 -13.46
CA GLU A 94 -6.45 5.30 -13.04
C GLU A 94 -5.63 5.32 -11.72
N SER A 95 -6.01 4.55 -10.71
CA SER A 95 -5.22 4.51 -9.48
C SER A 95 -3.92 3.77 -9.60
N ALA A 96 -3.88 2.72 -10.44
CA ALA A 96 -2.74 1.81 -10.48
C ALA A 96 -1.70 2.05 -11.54
N TRP A 97 -2.02 2.78 -12.61
CA TRP A 97 -1.17 2.78 -13.81
C TRP A 97 0.32 3.09 -13.52
N LEU A 98 0.63 4.08 -12.65
CA LEU A 98 2.05 4.50 -12.44
C LEU A 98 2.75 3.46 -11.59
N GLU A 99 2.03 2.87 -10.62
CA GLU A 99 2.61 1.78 -9.79
C GLU A 99 2.99 0.57 -10.69
N ILE A 100 2.14 0.30 -11.66
CA ILE A 100 2.38 -0.78 -12.58
C ILE A 100 3.61 -0.52 -13.44
N LEU A 101 3.73 0.68 -13.96
CA LEU A 101 4.94 1.04 -14.69
C LEU A 101 6.16 0.82 -13.84
N MET A 102 6.08 1.28 -12.60
CA MET A 102 7.19 1.21 -11.62
C MET A 102 7.60 -0.19 -11.21
N ILE A 103 6.64 -1.07 -10.92
CA ILE A 103 6.98 -2.41 -10.57
C ILE A 103 7.74 -3.11 -11.70
N GLY A 104 7.29 -2.84 -12.91
CA GLY A 104 7.94 -3.35 -14.10
C GLY A 104 9.31 -2.79 -14.22
N LEU A 105 9.45 -1.49 -14.01
CA LEU A 105 10.77 -0.87 -14.02
C LEU A 105 11.68 -1.62 -13.00
N VAL A 106 11.21 -1.82 -11.76
CA VAL A 106 12.11 -2.39 -10.74
C VAL A 106 12.41 -3.86 -11.01
N TRP A 107 11.45 -4.56 -11.64
CA TRP A 107 11.69 -5.91 -12.11
C TRP A 107 12.83 -5.95 -13.16
N ARG A 108 12.75 -5.07 -14.15
CA ARG A 108 13.73 -5.07 -15.22
C ARG A 108 15.11 -4.71 -14.70
N SER A 109 15.13 -3.91 -13.64
CA SER A 109 16.36 -3.34 -13.15
C SER A 109 17.13 -4.25 -12.16
N MET A 110 16.54 -5.40 -11.87
CA MET A 110 16.98 -6.27 -10.78
C MET A 110 18.39 -6.84 -10.99
N GLU A 111 18.66 -7.30 -12.23
CA GLU A 111 19.97 -7.85 -12.61
C GLU A 111 21.01 -6.77 -12.96
N HIS A 112 20.72 -5.52 -12.59
CA HIS A 112 21.57 -4.34 -12.84
C HIS A 112 21.62 -3.46 -11.62
N PRO A 113 22.29 -3.90 -10.55
CA PRO A 113 22.42 -3.08 -9.35
C PRO A 113 22.90 -1.66 -9.66
N GLY A 114 22.34 -0.68 -8.94
CA GLY A 114 22.65 0.76 -9.11
C GLY A 114 22.03 1.43 -10.36
N LYS A 115 21.22 0.69 -11.12
CA LYS A 115 20.76 1.15 -12.43
C LYS A 115 19.27 0.92 -12.62
N LEU A 116 18.64 1.82 -13.37
CA LEU A 116 17.24 1.64 -13.76
C LEU A 116 17.15 1.31 -15.27
N LEU A 117 16.59 0.15 -15.60
CA LEU A 117 16.40 -0.26 -16.99
C LEU A 117 15.05 0.20 -17.48
N PHE A 118 14.97 1.48 -17.83
CA PHE A 118 13.72 2.01 -18.38
C PHE A 118 13.41 1.26 -19.68
N ALA A 119 14.43 1.04 -20.47
CA ALA A 119 14.35 0.17 -21.65
C ALA A 119 15.79 -0.33 -21.86
N PRO A 120 15.99 -1.37 -22.68
CA PRO A 120 17.34 -1.91 -22.91
C PRO A 120 18.34 -0.92 -23.52
N ASN A 121 17.84 0.05 -24.30
CA ASN A 121 18.64 1.17 -24.84
C ASN A 121 18.50 2.42 -23.98
N LEU A 122 18.12 2.23 -22.72
CA LEU A 122 17.90 3.32 -21.81
C LEU A 122 18.07 2.81 -20.38
N LEU A 123 19.32 2.46 -20.05
CA LEU A 123 19.72 1.99 -18.72
C LEU A 123 20.37 3.17 -18.06
N LEU A 124 19.67 3.78 -17.09
CA LEU A 124 20.10 5.03 -16.46
C LEU A 124 20.51 4.80 -15.02
N ASP A 125 21.52 5.53 -14.58
CA ASP A 125 22.02 5.42 -13.22
C ASP A 125 21.62 6.63 -12.41
N ARG A 126 21.98 6.56 -11.14
CA ARG A 126 21.75 7.62 -10.16
C ARG A 126 22.23 8.98 -10.66
N ASN A 127 23.42 9.01 -11.22
CA ASN A 127 24.05 10.29 -11.57
C ASN A 127 23.35 11.07 -12.67
N GLN A 128 22.93 10.38 -13.73
CA GLN A 128 22.11 11.03 -14.76
C GLN A 128 20.81 11.60 -14.21
N GLY A 129 20.26 10.95 -13.19
CA GLY A 129 19.04 11.42 -12.55
C GLY A 129 19.07 12.82 -11.98
N LYS A 130 20.27 13.30 -11.62
CA LYS A 130 20.45 14.62 -11.00
C LYS A 130 20.33 15.79 -11.97
N SER A 131 20.27 15.48 -13.28
CA SER A 131 19.96 16.43 -14.35
C SER A 131 18.48 16.89 -14.39
N VAL A 132 17.60 16.20 -13.65
CA VAL A 132 16.19 16.60 -13.50
C VAL A 132 15.92 16.80 -12.01
N GLU A 133 15.38 17.97 -11.66
CA GLU A 133 15.20 18.38 -10.26
C GLU A 133 14.20 17.46 -9.63
N GLY A 134 14.52 16.96 -8.42
CA GLY A 134 13.65 16.02 -7.69
C GLY A 134 13.60 14.58 -8.20
N MET A 135 14.33 14.29 -9.27
CA MET A 135 14.23 13.01 -9.91
C MET A 135 15.08 12.00 -9.18
N VAL A 136 16.16 12.44 -8.55
CA VAL A 136 17.06 11.50 -7.83
C VAL A 136 16.40 10.79 -6.65
N GLU A 137 15.55 11.50 -5.93
CA GLU A 137 14.86 10.92 -4.79
C GLU A 137 14.00 9.72 -5.24
N ILE A 138 13.26 9.88 -6.33
CA ILE A 138 12.41 8.82 -6.83
C ILE A 138 13.27 7.69 -7.41
N PHE A 139 14.34 8.06 -8.08
CA PHE A 139 15.34 7.15 -8.56
C PHE A 139 15.83 6.28 -7.41
N ASP A 140 16.21 6.92 -6.30
CA ASP A 140 16.75 6.19 -5.13
C ASP A 140 15.74 5.31 -4.50
N MET A 141 14.50 5.75 -4.46
CA MET A 141 13.42 4.87 -4.01
C MET A 141 13.26 3.68 -4.90
N LEU A 142 13.32 3.93 -6.21
CA LEU A 142 13.18 2.85 -7.21
C LEU A 142 14.33 1.89 -7.14
N LEU A 143 15.53 2.40 -6.98
CA LEU A 143 16.71 1.57 -6.79
C LEU A 143 16.64 0.65 -5.54
N ALA A 144 16.21 1.23 -4.41
CA ALA A 144 16.11 0.49 -3.18
C ALA A 144 15.07 -0.62 -3.27
N THR A 145 13.96 -0.36 -3.94
CA THR A 145 12.94 -1.36 -4.12
C THR A 145 13.52 -2.51 -4.98
N SER A 146 14.29 -2.15 -6.00
CA SER A 146 14.87 -3.13 -6.88
C SER A 146 15.91 -4.01 -6.14
N SER A 147 16.70 -3.39 -5.28
CA SER A 147 17.70 -4.16 -4.55
C SER A 147 17.07 -5.03 -3.47
N ARG A 148 15.95 -4.61 -2.91
CA ARG A 148 15.19 -5.45 -2.00
C ARG A 148 14.59 -6.66 -2.76
N PHE A 149 13.97 -6.44 -3.91
CA PHE A 149 13.54 -7.59 -4.75
C PHE A 149 14.68 -8.55 -5.06
N ARG A 150 15.85 -8.00 -5.36
CA ARG A 150 17.04 -8.78 -5.65
C ARG A 150 17.48 -9.67 -4.49
N MET A 151 17.66 -9.08 -3.31
CA MET A 151 18.07 -9.80 -2.12
C MET A 151 17.02 -10.75 -1.59
N MET A 152 15.75 -10.48 -1.89
CA MET A 152 14.61 -11.41 -1.66
C MET A 152 14.48 -12.53 -2.70
N ASN A 153 15.24 -12.45 -3.78
CA ASN A 153 15.19 -13.38 -4.91
C ASN A 153 13.80 -13.52 -5.50
N LEU A 154 13.15 -12.39 -5.73
CA LEU A 154 11.80 -12.40 -6.28
C LEU A 154 11.79 -13.23 -7.57
N GLN A 155 10.78 -14.13 -7.71
CA GLN A 155 10.64 -14.90 -8.91
C GLN A 155 9.68 -14.16 -9.87
N GLY A 156 9.86 -14.49 -11.17
CA GLY A 156 8.97 -14.07 -12.22
C GLY A 156 7.50 -14.36 -11.92
N GLU A 157 7.25 -15.54 -11.35
CA GLU A 157 5.89 -16.00 -11.02
C GLU A 157 5.25 -15.23 -9.86
N GLU A 158 6.09 -14.80 -8.92
CA GLU A 158 5.70 -13.91 -7.84
C GLU A 158 5.44 -12.49 -8.37
N PHE A 159 6.39 -11.96 -9.11
CA PHE A 159 6.22 -10.68 -9.75
C PHE A 159 4.87 -10.49 -10.44
N VAL A 160 4.45 -11.44 -11.27
CA VAL A 160 3.21 -11.23 -12.02
C VAL A 160 2.04 -11.17 -11.03
N CYS A 161 2.12 -11.98 -10.00
CA CYS A 161 1.11 -11.96 -8.90
C CYS A 161 1.04 -10.61 -8.23
N LEU A 162 2.19 -10.01 -7.98
CA LEU A 162 2.24 -8.72 -7.31
C LEU A 162 1.69 -7.57 -8.14
N LYS A 163 1.99 -7.62 -9.45
CA LYS A 163 1.52 -6.61 -10.41
C LYS A 163 0.02 -6.65 -10.54
N SER A 164 -0.55 -7.84 -10.59
CA SER A 164 -1.99 -7.96 -10.64
C SER A 164 -2.67 -7.49 -9.37
N ILE A 165 -2.07 -7.85 -8.23
CA ILE A 165 -2.57 -7.39 -6.96
C ILE A 165 -2.66 -5.89 -6.96
N ILE A 166 -1.62 -5.23 -7.47
CA ILE A 166 -1.59 -3.78 -7.57
C ILE A 166 -2.76 -3.25 -8.39
N LEU A 167 -2.94 -3.78 -9.60
CA LEU A 167 -4.04 -3.35 -10.42
C LEU A 167 -5.39 -3.47 -9.67
N LEU A 168 -5.58 -4.55 -8.94
CA LEU A 168 -6.88 -4.83 -8.32
C LEU A 168 -7.02 -4.09 -6.99
N ASN A 169 -5.91 -3.88 -6.28
CA ASN A 169 -5.97 -3.29 -4.95
C ASN A 169 -5.90 -1.73 -4.86
N SER A 170 -5.06 -1.10 -5.70
CA SER A 170 -4.79 0.32 -5.53
C SER A 170 -6.06 1.18 -5.40
N GLY A 171 -7.06 0.90 -6.24
CA GLY A 171 -8.26 1.73 -6.36
C GLY A 171 -9.52 1.18 -5.72
N VAL A 172 -9.42 0.00 -5.10
CA VAL A 172 -10.57 -0.72 -4.52
C VAL A 172 -11.22 -0.05 -3.29
N TYR A 173 -10.46 0.84 -2.66
CA TYR A 173 -10.92 1.56 -1.46
C TYR A 173 -11.34 3.02 -1.74
N THR A 174 -11.78 3.35 -2.96
CA THR A 174 -12.11 4.72 -3.35
C THR A 174 -13.15 4.81 -4.48
N SER A 182 -21.99 -3.37 -7.09
CA SER A 182 -21.00 -2.37 -6.65
C SER A 182 -20.34 -2.69 -5.30
N LEU A 183 -21.17 -3.13 -4.38
CA LEU A 183 -20.76 -3.90 -3.22
C LEU A 183 -20.36 -5.33 -3.72
N GLU A 184 -21.02 -5.79 -4.77
CA GLU A 184 -20.71 -7.04 -5.41
C GLU A 184 -19.38 -6.95 -6.18
N GLU A 185 -19.12 -5.76 -6.73
CA GLU A 185 -17.88 -5.50 -7.45
C GLU A 185 -16.69 -5.56 -6.48
N LYS A 186 -16.80 -4.85 -5.37
CA LYS A 186 -15.83 -4.91 -4.28
C LYS A 186 -15.55 -6.31 -3.75
N ASP A 187 -16.61 -7.07 -3.49
CA ASP A 187 -16.48 -8.44 -3.03
C ASP A 187 -15.78 -9.28 -4.08
N HIS A 188 -16.21 -9.17 -5.32
CA HIS A 188 -15.58 -9.87 -6.40
C HIS A 188 -14.08 -9.54 -6.50
N ILE A 189 -13.75 -8.26 -6.49
CA ILE A 189 -12.34 -7.85 -6.49
C ILE A 189 -11.56 -8.47 -5.33
N HIS A 190 -12.13 -8.48 -4.13
CA HIS A 190 -11.48 -9.09 -3.00
C HIS A 190 -11.31 -10.58 -3.13
N ARG A 191 -12.32 -11.26 -3.68
CA ARG A 191 -12.25 -12.68 -3.89
C ARG A 191 -11.17 -13.03 -4.91
N VAL A 192 -10.97 -12.18 -5.90
CA VAL A 192 -9.89 -12.41 -6.88
C VAL A 192 -8.55 -12.15 -6.19
N LEU A 193 -8.48 -11.14 -5.32
CA LEU A 193 -7.27 -10.91 -4.50
C LEU A 193 -6.91 -12.09 -3.62
N ASP A 194 -7.89 -12.71 -2.99
CA ASP A 194 -7.66 -13.92 -2.20
C ASP A 194 -7.08 -15.06 -3.05
N LYS A 195 -7.57 -15.16 -4.28
CA LYS A 195 -7.09 -16.18 -5.27
C LYS A 195 -5.61 -16.03 -5.67
N ILE A 196 -5.22 -14.80 -5.96
CA ILE A 196 -3.79 -14.50 -6.22
C ILE A 196 -2.97 -14.77 -4.95
N THR A 197 -3.47 -14.36 -3.77
CA THR A 197 -2.80 -14.68 -2.51
C THR A 197 -2.57 -16.19 -2.36
N ASP A 198 -3.62 -17.00 -2.53
CA ASP A 198 -3.51 -18.46 -2.60
C ASP A 198 -2.40 -18.96 -3.56
N THR A 199 -2.39 -18.37 -4.73
CA THR A 199 -1.44 -18.63 -5.81
C THR A 199 -0.05 -18.29 -5.33
N LEU A 200 0.13 -17.12 -4.69
CA LEU A 200 1.47 -16.79 -4.09
C LEU A 200 1.91 -17.83 -3.01
N ILE A 201 0.97 -18.29 -2.20
CA ILE A 201 1.28 -19.26 -1.13
C ILE A 201 1.65 -20.61 -1.75
N HIS A 202 1.02 -20.96 -2.86
CA HIS A 202 1.31 -22.24 -3.51
C HIS A 202 2.78 -22.21 -4.01
N LEU A 203 3.11 -21.14 -4.69
CA LEU A 203 4.51 -20.92 -5.17
C LEU A 203 5.56 -21.08 -4.06
N MET A 204 5.29 -20.47 -2.92
CA MET A 204 6.19 -20.56 -1.78
C MET A 204 6.24 -21.94 -1.12
N ALA A 205 5.09 -22.64 -1.09
CA ALA A 205 5.05 -23.98 -0.55
C ALA A 205 5.79 -24.97 -1.49
N LYS A 206 5.57 -24.84 -2.79
CA LYS A 206 6.27 -25.68 -3.75
C LYS A 206 7.76 -25.37 -3.75
N ALA A 207 8.16 -24.13 -3.47
CA ALA A 207 9.59 -23.79 -3.28
C ALA A 207 10.23 -24.30 -1.95
N GLY A 208 9.46 -24.97 -1.10
CA GLY A 208 10.01 -25.54 0.11
C GLY A 208 9.94 -24.68 1.37
N LEU A 209 9.24 -23.56 1.35
CA LEU A 209 9.16 -22.69 2.53
C LEU A 209 8.26 -23.27 3.57
N THR A 210 8.66 -23.15 4.82
CA THR A 210 7.79 -23.51 5.95
C THR A 210 6.64 -22.50 6.04
N LEU A 211 5.60 -22.91 6.75
CA LEU A 211 4.43 -22.08 6.91
C LEU A 211 4.75 -20.68 7.47
N GLN A 212 5.62 -20.66 8.44
CA GLN A 212 6.14 -19.41 8.97
C GLN A 212 6.79 -18.58 7.87
N GLN A 213 7.64 -19.21 7.08
CA GLN A 213 8.35 -18.55 5.98
C GLN A 213 7.42 -18.07 4.90
N GLN A 214 6.37 -18.84 4.64
CA GLN A 214 5.38 -18.45 3.64
C GLN A 214 4.66 -17.17 4.06
N HIS A 215 4.25 -17.13 5.31
CA HIS A 215 3.59 -15.97 5.86
C HIS A 215 4.52 -14.75 5.87
N GLN A 216 5.75 -14.90 6.36
CA GLN A 216 6.69 -13.77 6.43
C GLN A 216 7.06 -13.19 5.10
N ARG A 217 7.32 -14.04 4.09
CA ARG A 217 7.67 -13.58 2.75
C ARG A 217 6.51 -12.86 2.04
N LEU A 218 5.30 -13.38 2.22
CA LEU A 218 4.09 -12.78 1.73
C LEU A 218 3.88 -11.42 2.33
N ALA A 219 3.95 -11.35 3.66
CA ALA A 219 3.86 -10.09 4.33
C ALA A 219 4.95 -9.12 3.78
N GLN A 220 6.19 -9.57 3.73
CA GLN A 220 7.30 -8.73 3.21
C GLN A 220 6.99 -8.23 1.79
N LEU A 221 6.42 -9.08 0.95
CA LEU A 221 6.08 -8.68 -0.42
C LEU A 221 4.95 -7.62 -0.41
N LEU A 222 3.99 -7.77 0.49
CA LEU A 222 2.86 -6.86 0.52
C LEU A 222 3.22 -5.52 1.13
N LEU A 223 4.15 -5.49 2.07
CA LEU A 223 4.67 -4.23 2.55
C LEU A 223 5.46 -3.45 1.51
N ILE A 224 6.22 -4.16 0.68
CA ILE A 224 6.88 -3.49 -0.47
C ILE A 224 5.89 -2.75 -1.35
N LEU A 225 4.73 -3.33 -1.52
CA LEU A 225 3.63 -2.67 -2.20
C LEU A 225 3.23 -1.30 -1.61
N SER A 226 3.24 -1.16 -0.29
CA SER A 226 2.98 0.17 0.32
C SER A 226 4.03 1.20 -0.10
N HIS A 227 5.28 0.76 -0.18
CA HIS A 227 6.37 1.64 -0.63
C HIS A 227 6.25 2.01 -2.13
N ILE A 228 5.70 1.10 -2.90
CA ILE A 228 5.48 1.36 -4.32
C ILE A 228 4.37 2.34 -4.50
N ARG A 229 3.36 2.30 -3.61
CA ARG A 229 2.33 3.32 -3.62
C ARG A 229 2.91 4.68 -3.30
N HIS A 230 3.71 4.74 -2.26
CA HIS A 230 4.40 5.95 -1.89
C HIS A 230 5.22 6.54 -3.04
N MET A 231 5.98 5.68 -3.71
CA MET A 231 6.76 6.10 -4.86
C MET A 231 5.86 6.69 -5.95
N SER A 232 4.76 6.00 -6.23
CA SER A 232 3.83 6.46 -7.21
C SER A 232 3.32 7.83 -6.87
N ASN A 233 2.97 8.09 -5.61
CA ASN A 233 2.40 9.40 -5.22
C ASN A 233 3.47 10.49 -5.36
N LYS A 234 4.68 10.20 -4.91
CA LYS A 234 5.79 11.12 -5.12
C LYS A 234 6.03 11.35 -6.64
N GLY A 235 5.98 10.29 -7.43
CA GLY A 235 6.04 10.39 -8.90
C GLY A 235 4.97 11.31 -9.54
N MET A 236 3.73 11.15 -9.11
CA MET A 236 2.61 11.92 -9.64
C MET A 236 2.74 13.39 -9.27
N GLU A 237 2.97 13.69 -7.99
CA GLU A 237 3.32 15.05 -7.53
C GLU A 237 4.35 15.67 -8.48
N HIS A 238 5.37 14.91 -8.78
CA HIS A 238 6.43 15.41 -9.64
C HIS A 238 5.95 15.70 -11.08
N LEU A 239 5.17 14.79 -11.66
CA LEU A 239 4.65 14.95 -13.02
C LEU A 239 3.67 16.10 -13.17
N TYR A 240 2.81 16.29 -12.17
CA TYR A 240 1.86 17.41 -12.16
C TYR A 240 2.52 18.78 -11.92
N SER A 241 3.80 18.81 -11.56
CA SER A 241 4.48 20.04 -11.15
C SER A 241 5.48 20.62 -12.16
N MET A 242 5.71 19.95 -13.29
CA MET A 242 6.79 20.33 -14.21
C MET A 242 6.23 21.11 -15.40
N VAL A 248 -0.53 13.70 -18.03
CA VAL A 248 -0.75 12.51 -17.25
C VAL A 248 -2.12 11.93 -17.59
N PRO A 249 -2.21 10.62 -17.83
CA PRO A 249 -3.49 9.96 -18.02
C PRO A 249 -4.48 10.42 -16.96
N SER A 250 -5.64 10.82 -17.41
CA SER A 250 -6.79 11.05 -16.56
C SER A 250 -7.65 9.78 -16.60
N TYR A 251 -8.72 9.83 -15.83
CA TYR A 251 -9.82 8.88 -15.97
C TYR A 251 -10.36 8.81 -17.44
N ASP A 252 -10.55 9.98 -18.05
CA ASP A 252 -11.14 10.08 -19.39
C ASP A 252 -10.33 9.44 -20.54
N LEU A 253 -9.03 9.66 -20.54
CA LEU A 253 -8.11 9.05 -21.48
C LEU A 253 -8.10 7.52 -21.31
N LEU A 254 -8.03 7.03 -20.09
CA LEU A 254 -7.91 5.60 -19.83
C LEU A 254 -9.22 4.88 -20.20
N LEU A 255 -10.32 5.57 -19.97
CA LEU A 255 -11.62 5.13 -20.46
C LEU A 255 -11.60 5.00 -21.97
N GLU A 256 -11.07 6.02 -22.62
CA GLU A 256 -11.04 6.04 -24.09
C GLU A 256 -10.11 4.95 -24.60
N MET A 257 -9.02 4.69 -23.88
CA MET A 257 -8.02 3.69 -24.29
C MET A 257 -8.51 2.29 -24.04
N LEU A 258 -9.19 2.10 -22.92
CA LEU A 258 -9.99 0.90 -22.68
C LEU A 258 -11.05 0.69 -23.69
N ASP A 259 -11.73 1.76 -24.06
CA ASP A 259 -12.76 1.65 -25.07
C ASP A 259 -12.18 1.23 -26.43
N ALA A 260 -11.06 1.86 -26.78
CA ALA A 260 -10.38 1.65 -28.05
C ALA A 260 -9.86 0.23 -28.19
N HIS A 261 -9.48 -0.37 -27.06
CA HIS A 261 -9.04 -1.75 -27.11
C HIS A 261 -10.03 -2.65 -27.84
N ARG A 262 -11.34 -2.44 -27.61
CA ARG A 262 -12.38 -3.26 -28.21
C ARG A 262 -12.41 -3.19 -29.75
N LEU A 263 -11.90 -2.08 -30.29
CA LEU A 263 -11.72 -1.93 -31.72
C LEU A 263 -10.49 -2.59 -32.30
N HIS A 264 -9.58 -3.09 -31.46
CA HIS A 264 -8.35 -3.71 -32.02
C HIS A 264 -8.69 -4.92 -32.88
N ALA A 265 -7.96 -5.06 -33.98
CA ALA A 265 -8.05 -6.25 -34.81
C ALA A 265 -7.27 -7.36 -34.13
N PRO A 266 -7.89 -8.55 -33.95
CA PRO A 266 -7.28 -9.66 -33.19
C PRO A 266 -6.05 -10.28 -33.88
N LEU B 22 11.85 -9.40 20.93
CA LEU B 22 12.57 -10.47 20.17
C LEU B 22 12.36 -11.84 20.81
N SER B 23 12.72 -11.93 22.09
CA SER B 23 12.61 -13.19 22.83
C SER B 23 11.14 -13.63 23.06
N LEU B 24 10.22 -12.65 23.04
CA LEU B 24 8.84 -12.81 23.49
C LEU B 24 8.05 -13.89 22.73
N THR B 25 7.01 -14.44 23.36
CA THR B 25 6.00 -15.23 22.65
C THR B 25 4.98 -14.33 21.94
N ALA B 26 4.15 -14.93 21.10
CA ALA B 26 3.00 -14.24 20.53
C ALA B 26 2.12 -13.60 21.60
N ASP B 27 1.86 -14.32 22.69
CA ASP B 27 1.02 -13.82 23.78
C ASP B 27 1.63 -12.58 24.42
N GLN B 28 2.93 -12.66 24.71
CA GLN B 28 3.68 -11.57 25.35
C GLN B 28 3.74 -10.34 24.46
N MET B 29 3.93 -10.58 23.16
CA MET B 29 4.00 -9.50 22.19
C MET B 29 2.69 -8.73 22.17
N VAL B 30 1.60 -9.46 22.02
CA VAL B 30 0.26 -8.90 22.04
C VAL B 30 0.00 -8.12 23.30
N SER B 31 0.33 -8.76 24.42
CA SER B 31 0.14 -8.21 25.77
C SER B 31 0.86 -6.89 25.85
N ALA B 32 2.14 -6.89 25.46
CA ALA B 32 2.96 -5.70 25.48
C ALA B 32 2.31 -4.61 24.63
N LEU B 33 1.91 -4.97 23.41
CA LEU B 33 1.25 -4.02 22.53
C LEU B 33 -0.03 -3.47 23.15
N LEU B 34 -0.88 -4.34 23.68
CA LEU B 34 -2.12 -3.88 24.33
C LEU B 34 -1.86 -2.93 25.51
N ASP B 35 -0.90 -3.27 26.36
CA ASP B 35 -0.50 -2.41 27.48
C ASP B 35 0.06 -1.04 27.07
N ALA B 36 0.75 -0.99 25.93
CA ALA B 36 1.39 0.26 25.48
C ALA B 36 0.44 1.26 24.80
N GLU B 37 -0.79 0.84 24.52
CA GLU B 37 -1.77 1.66 23.80
C GLU B 37 -1.90 3.04 24.41
N PRO B 38 -1.81 4.10 23.60
CA PRO B 38 -2.12 5.41 24.12
C PRO B 38 -3.60 5.52 24.48
N PRO B 39 -3.96 6.53 25.29
CA PRO B 39 -5.35 6.84 25.56
C PRO B 39 -6.03 7.54 24.38
N ILE B 40 -7.34 7.66 24.46
CA ILE B 40 -8.13 8.39 23.50
C ILE B 40 -8.27 9.77 24.08
N LEU B 41 -7.96 10.77 23.30
CA LEU B 41 -7.95 12.12 23.81
C LEU B 41 -9.21 12.79 23.35
N TYR B 42 -9.55 13.86 24.06
CA TYR B 42 -10.67 14.71 23.69
C TYR B 42 -10.22 15.91 22.92
N SER B 43 -11.12 16.45 22.10
CA SER B 43 -10.96 17.79 21.59
C SER B 43 -11.02 18.76 22.77
N GLU B 44 -10.43 19.94 22.61
CA GLU B 44 -10.57 20.98 23.63
C GLU B 44 -12.05 21.41 23.73
N PRO B 50 -20.69 24.86 17.93
CA PRO B 50 -20.60 24.72 16.46
C PRO B 50 -19.32 25.35 15.91
N PHE B 51 -18.77 24.73 14.88
CA PHE B 51 -17.41 25.06 14.38
C PHE B 51 -17.45 25.80 13.05
N SER B 52 -16.48 26.70 12.88
CA SER B 52 -16.15 27.23 11.56
C SER B 52 -14.98 26.42 10.99
N GLU B 53 -14.63 26.71 9.75
CA GLU B 53 -13.54 26.02 9.06
C GLU B 53 -12.19 26.19 9.78
N ALA B 54 -11.87 27.42 10.16
CA ALA B 54 -10.61 27.75 10.83
C ALA B 54 -10.60 27.16 12.23
N SER B 55 -11.75 27.16 12.89
CA SER B 55 -11.85 26.57 14.22
C SER B 55 -11.75 25.02 14.15
N MET B 56 -12.37 24.39 13.15
CA MET B 56 -12.35 22.92 12.99
C MET B 56 -10.91 22.45 12.78
N MET B 57 -10.17 23.22 12.00
CA MET B 57 -8.78 22.89 11.70
C MET B 57 -7.82 23.16 12.87
N GLY B 58 -8.04 24.24 13.59
CA GLY B 58 -7.34 24.46 14.84
C GLY B 58 -7.62 23.33 15.83
N LEU B 59 -8.90 22.96 15.94
CA LEU B 59 -9.32 21.86 16.80
C LEU B 59 -8.61 20.53 16.42
N LEU B 60 -8.61 20.20 15.15
CA LEU B 60 -7.89 19.00 14.69
C LEU B 60 -6.38 19.05 14.89
N THR B 61 -5.78 20.22 14.64
CA THR B 61 -4.35 20.45 14.81
C THR B 61 -3.91 20.29 16.28
N ASN B 62 -4.58 21.01 17.18
CA ASN B 62 -4.34 20.85 18.61
C ASN B 62 -4.53 19.43 19.12
N LEU B 63 -5.55 18.74 18.60
CA LEU B 63 -5.76 17.33 18.97
C LEU B 63 -4.58 16.46 18.48
N ALA B 64 -4.20 16.61 17.24
CA ALA B 64 -3.10 15.80 16.72
C ALA B 64 -1.75 16.12 17.45
N ASP B 65 -1.56 17.38 17.81
CA ASP B 65 -0.35 17.80 18.51
C ASP B 65 -0.25 17.06 19.83
N ARG B 66 -1.38 17.02 20.56
CA ARG B 66 -1.46 16.29 21.83
C ARG B 66 -1.30 14.76 21.66
N GLU B 67 -1.89 14.17 20.62
CA GLU B 67 -1.70 12.74 20.42
C GLU B 67 -0.26 12.37 20.03
N LEU B 68 0.43 13.28 19.37
CA LEU B 68 1.80 13.00 18.94
C LEU B 68 2.73 12.73 20.12
N VAL B 69 2.50 13.41 21.22
CA VAL B 69 3.27 13.19 22.45
C VAL B 69 3.10 11.75 22.97
N HIS B 70 1.86 11.31 23.07
CA HIS B 70 1.53 9.97 23.48
C HIS B 70 2.03 8.92 22.49
N MET B 71 2.01 9.27 21.19
CA MET B 71 2.45 8.40 20.15
C MET B 71 3.93 8.09 20.31
N ILE B 72 4.72 9.12 20.60
CA ILE B 72 6.15 8.95 20.79
C ILE B 72 6.39 7.96 21.94
N ASN B 73 5.72 8.22 23.05
CA ASN B 73 5.68 7.29 24.17
C ASN B 73 5.28 5.85 23.88
N TRP B 74 4.28 5.69 23.03
CA TRP B 74 3.85 4.36 22.60
C TRP B 74 4.91 3.73 21.74
N ALA B 75 5.48 4.53 20.85
CA ALA B 75 6.56 4.07 19.97
C ALA B 75 7.66 3.42 20.79
N LYS B 76 8.08 4.09 21.87
CA LYS B 76 9.18 3.55 22.72
C LYS B 76 8.87 2.22 23.40
N ARG B 77 7.59 1.92 23.58
CA ARG B 77 7.16 0.67 24.19
C ARG B 77 6.87 -0.45 23.19
N VAL B 78 7.04 -0.17 21.90
CA VAL B 78 6.90 -1.19 20.87
C VAL B 78 8.15 -2.08 20.87
N PRO B 79 8.00 -3.39 21.07
CA PRO B 79 9.18 -4.25 21.16
C PRO B 79 10.11 -4.15 19.95
N GLY B 80 11.38 -3.85 20.23
CA GLY B 80 12.40 -3.63 19.21
C GLY B 80 12.75 -2.17 18.89
N PHE B 81 11.87 -1.24 19.25
CA PHE B 81 12.02 0.14 18.80
C PHE B 81 13.17 0.94 19.45
N VAL B 82 13.29 0.88 20.77
CA VAL B 82 14.39 1.65 21.44
C VAL B 82 15.78 1.08 21.15
N ASP B 83 15.86 -0.21 20.78
CA ASP B 83 17.09 -0.84 20.29
C ASP B 83 17.66 -0.24 19.03
N LEU B 84 16.82 0.42 18.23
CA LEU B 84 17.30 1.17 17.08
C LEU B 84 18.10 2.38 17.53
N THR B 85 18.90 2.90 16.62
CA THR B 85 19.60 4.19 16.82
C THR B 85 18.58 5.32 16.85
N LEU B 86 18.90 6.41 17.56
CA LEU B 86 17.98 7.54 17.71
C LEU B 86 17.59 8.16 16.37
N HIS B 87 18.55 8.16 15.43
CA HIS B 87 18.35 8.55 14.03
C HIS B 87 17.29 7.70 13.35
N ASP B 88 17.35 6.39 13.55
CA ASP B 88 16.36 5.51 12.94
C ASP B 88 14.99 5.67 13.61
N GLN B 89 14.99 5.86 14.92
CA GLN B 89 13.75 6.10 15.65
C GLN B 89 13.02 7.41 15.19
N VAL B 90 13.76 8.49 15.02
CA VAL B 90 13.23 9.75 14.52
C VAL B 90 12.70 9.66 13.10
N HIS B 91 13.43 8.93 12.25
CA HIS B 91 13.06 8.81 10.86
C HIS B 91 11.76 8.03 10.75
N LEU B 92 11.65 6.89 11.44
CA LEU B 92 10.41 6.06 11.34
C LEU B 92 9.16 6.83 11.79
N LEU B 93 9.28 7.47 12.93
CA LEU B 93 8.23 8.33 13.49
C LEU B 93 7.88 9.54 12.61
N GLU B 94 8.90 10.24 12.11
CA GLU B 94 8.68 11.34 11.16
C GLU B 94 8.01 10.86 9.89
N SER B 95 8.37 9.67 9.43
CA SER B 95 7.77 9.15 8.23
C SER B 95 6.32 8.64 8.45
N ALA B 96 6.07 8.11 9.63
CA ALA B 96 4.83 7.32 9.88
C ALA B 96 3.74 8.01 10.71
N TRP B 97 4.02 9.19 11.31
CA TRP B 97 3.11 9.77 12.34
C TRP B 97 1.65 9.94 11.85
N LEU B 98 1.45 10.44 10.64
CA LEU B 98 0.10 10.64 10.13
C LEU B 98 -0.60 9.30 9.83
N GLU B 99 0.11 8.34 9.22
CA GLU B 99 -0.41 7.00 9.01
C GLU B 99 -0.93 6.45 10.33
N ILE B 100 -0.14 6.66 11.39
CA ILE B 100 -0.51 6.20 12.73
C ILE B 100 -1.73 6.93 13.28
N LEU B 101 -1.74 8.23 13.13
CA LEU B 101 -2.91 8.98 13.57
C LEU B 101 -4.17 8.49 12.85
N MET B 102 -4.00 8.28 11.55
CA MET B 102 -5.06 7.90 10.67
C MET B 102 -5.66 6.51 10.95
N ILE B 103 -4.81 5.51 11.20
CA ILE B 103 -5.31 4.15 11.51
C ILE B 103 -6.02 4.12 12.88
N GLY B 104 -5.51 4.90 13.83
CA GLY B 104 -6.16 5.11 15.12
C GLY B 104 -7.54 5.77 14.93
N LEU B 105 -7.59 6.76 14.06
CA LEU B 105 -8.90 7.35 13.68
C LEU B 105 -9.93 6.38 13.02
N VAL B 106 -9.44 5.56 12.09
CA VAL B 106 -10.22 4.60 11.32
C VAL B 106 -10.72 3.49 12.24
N TRP B 107 -9.86 3.08 13.16
CA TRP B 107 -10.25 2.16 14.24
C TRP B 107 -11.34 2.73 15.15
N ARG B 108 -11.13 3.93 15.66
CA ARG B 108 -12.13 4.58 16.48
C ARG B 108 -13.47 4.81 15.76
N SER B 109 -13.42 5.06 14.44
CA SER B 109 -14.63 5.41 13.65
C SER B 109 -15.40 4.18 13.09
N MET B 110 -15.03 2.98 13.50
CA MET B 110 -15.43 1.78 12.81
C MET B 110 -16.93 1.50 12.93
N GLU B 111 -17.49 1.70 14.11
CA GLU B 111 -18.91 1.47 14.40
C GLU B 111 -19.80 2.68 14.03
N HIS B 112 -19.19 3.75 13.46
CA HIS B 112 -19.89 5.01 13.15
C HIS B 112 -19.93 5.33 11.62
N PRO B 113 -20.76 4.57 10.89
CA PRO B 113 -21.02 4.72 9.49
C PRO B 113 -21.23 6.17 9.08
N GLY B 114 -20.40 6.65 8.16
CA GLY B 114 -20.54 7.99 7.62
C GLY B 114 -19.97 9.07 8.50
N LYS B 115 -19.19 8.69 9.51
CA LYS B 115 -18.62 9.67 10.45
C LYS B 115 -17.22 9.31 10.90
N LEU B 116 -16.40 10.35 11.15
CA LEU B 116 -15.04 10.16 11.68
C LEU B 116 -14.99 10.60 13.17
N LEU B 117 -14.59 9.67 14.02
CA LEU B 117 -14.60 9.89 15.45
C LEU B 117 -13.17 10.33 15.76
N PHE B 118 -12.88 11.61 15.52
CA PHE B 118 -11.53 12.14 15.83
C PHE B 118 -11.32 12.17 17.33
N ALA B 119 -12.38 12.48 18.10
CA ALA B 119 -12.40 12.32 19.56
C ALA B 119 -13.85 12.07 19.96
N PRO B 120 -14.09 11.50 21.16
CA PRO B 120 -15.50 11.30 21.59
C PRO B 120 -16.37 12.57 21.52
N ASN B 121 -15.77 13.74 21.71
CA ASN B 121 -16.45 15.02 21.60
C ASN B 121 -16.16 15.73 20.26
N LEU B 122 -15.75 14.97 19.24
CA LEU B 122 -15.49 15.50 17.92
C LEU B 122 -15.70 14.41 16.88
N LEU B 123 -16.97 14.08 16.72
CA LEU B 123 -17.50 13.15 15.74
C LEU B 123 -17.96 13.97 14.53
N LEU B 124 -17.29 13.80 13.40
CA LEU B 124 -17.52 14.68 12.24
C LEU B 124 -18.01 13.91 11.03
N ASP B 125 -19.05 14.42 10.40
CA ASP B 125 -19.68 13.77 9.24
C ASP B 125 -19.16 14.36 7.94
N ARG B 126 -19.44 13.66 6.84
CA ARG B 126 -19.01 14.04 5.49
C ARG B 126 -19.34 15.50 5.15
N ASN B 127 -20.52 15.97 5.56
CA ASN B 127 -20.89 17.37 5.30
C ASN B 127 -19.94 18.36 6.01
N GLN B 128 -19.60 18.08 7.29
CA GLN B 128 -18.68 18.91 8.06
C GLN B 128 -17.26 19.07 7.43
N GLY B 129 -16.76 18.02 6.78
CA GLY B 129 -15.50 18.09 6.05
C GLY B 129 -15.47 18.94 4.78
N LYS B 130 -16.63 19.18 4.17
CA LYS B 130 -16.75 20.03 2.98
C LYS B 130 -16.48 21.52 3.26
N SER B 131 -16.47 21.89 4.55
CA SER B 131 -16.20 23.26 4.99
C SER B 131 -14.70 23.68 4.94
N VAL B 132 -13.81 22.78 4.52
CA VAL B 132 -12.40 23.12 4.22
C VAL B 132 -11.95 22.58 2.85
N GLU B 133 -11.40 23.48 2.02
CA GLU B 133 -10.99 23.15 0.65
C GLU B 133 -10.01 21.96 0.57
N GLY B 134 -10.48 20.86 -0.02
CA GLY B 134 -9.67 19.65 -0.25
C GLY B 134 -9.88 18.56 0.78
N MET B 135 -10.53 18.92 1.87
CA MET B 135 -10.64 18.09 3.04
C MET B 135 -11.55 16.90 2.79
N VAL B 136 -12.65 17.09 2.07
CA VAL B 136 -13.67 16.05 1.96
C VAL B 136 -13.18 14.80 1.21
N GLU B 137 -12.30 14.99 0.24
CA GLU B 137 -11.74 13.84 -0.49
C GLU B 137 -11.06 12.86 0.47
N ILE B 138 -10.21 13.40 1.36
CA ILE B 138 -9.57 12.60 2.42
C ILE B 138 -10.61 11.94 3.37
N PHE B 139 -11.57 12.72 3.86
CA PHE B 139 -12.74 12.17 4.57
C PHE B 139 -13.31 10.87 3.95
N ASP B 140 -13.57 10.88 2.64
CA ASP B 140 -14.18 9.72 1.97
C ASP B 140 -13.27 8.55 2.02
N MET B 141 -11.99 8.82 1.86
CA MET B 141 -10.99 7.79 1.93
C MET B 141 -10.87 7.20 3.35
N LEU B 142 -10.93 8.06 4.36
CA LEU B 142 -10.94 7.58 5.73
C LEU B 142 -12.19 6.68 6.01
N LEU B 143 -13.37 7.15 5.61
CA LEU B 143 -14.64 6.40 5.76
C LEU B 143 -14.66 5.03 5.11
N ALA B 144 -14.07 4.93 3.92
CA ALA B 144 -13.92 3.68 3.22
C ALA B 144 -13.00 2.73 3.94
N THR B 145 -11.88 3.24 4.44
CA THR B 145 -11.00 2.41 5.22
C THR B 145 -11.71 1.84 6.45
N SER B 146 -12.45 2.69 7.13
CA SER B 146 -13.19 2.37 8.35
C SER B 146 -14.31 1.33 8.02
N SER B 147 -15.02 1.59 6.94
CA SER B 147 -16.06 0.65 6.47
C SER B 147 -15.43 -0.71 6.11
N ARG B 148 -14.21 -0.67 5.55
CA ARG B 148 -13.48 -1.92 5.29
C ARG B 148 -13.04 -2.70 6.55
N PHE B 149 -12.63 -2.03 7.61
CA PHE B 149 -12.28 -2.76 8.86
C PHE B 149 -13.50 -3.33 9.56
N ARG B 150 -14.64 -2.66 9.43
CA ARG B 150 -15.91 -3.15 9.98
C ARG B 150 -16.32 -4.42 9.24
N MET B 151 -16.40 -4.32 7.92
CA MET B 151 -16.74 -5.44 7.07
C MET B 151 -15.82 -6.67 7.27
N MET B 152 -14.57 -6.42 7.68
CA MET B 152 -13.58 -7.45 8.02
C MET B 152 -13.60 -7.92 9.45
N ASN B 153 -14.30 -7.21 10.33
CA ASN B 153 -14.31 -7.49 11.78
C ASN B 153 -12.93 -7.42 12.43
N LEU B 154 -12.19 -6.33 12.14
CA LEU B 154 -10.89 -6.10 12.74
C LEU B 154 -10.97 -6.19 14.24
N GLN B 155 -10.08 -6.96 14.86
CA GLN B 155 -10.01 -7.08 16.28
C GLN B 155 -8.90 -6.19 16.88
N GLY B 156 -9.11 -5.80 18.14
CA GLY B 156 -8.16 -5.01 18.88
C GLY B 156 -6.73 -5.43 18.71
N GLU B 157 -6.49 -6.72 18.95
CA GLU B 157 -5.16 -7.32 18.91
C GLU B 157 -4.50 -7.26 17.54
N GLU B 158 -5.32 -7.42 16.49
CA GLU B 158 -4.91 -7.28 15.09
C GLU B 158 -4.55 -5.82 14.82
N PHE B 159 -5.42 -4.91 15.25
CA PHE B 159 -5.20 -3.47 15.14
C PHE B 159 -3.80 -3.05 15.67
N VAL B 160 -3.47 -3.47 16.89
CA VAL B 160 -2.18 -3.04 17.52
C VAL B 160 -0.98 -3.61 16.75
N CYS B 161 -1.15 -4.81 16.19
CA CYS B 161 -0.13 -5.39 15.35
C CYS B 161 0.09 -4.55 14.11
N LEU B 162 -1.01 -4.14 13.48
CA LEU B 162 -0.95 -3.38 12.23
C LEU B 162 -0.34 -2.02 12.49
N LYS B 163 -0.68 -1.42 13.64
CA LYS B 163 -0.20 -0.12 13.99
C LYS B 163 1.31 -0.16 14.17
N SER B 164 1.82 -1.26 14.70
CA SER B 164 3.24 -1.40 14.90
C SER B 164 3.94 -1.70 13.59
N ILE B 165 3.33 -2.50 12.71
CA ILE B 165 3.88 -2.69 11.37
C ILE B 165 4.08 -1.33 10.64
N ILE B 166 3.08 -0.46 10.67
CA ILE B 166 3.20 0.90 10.09
C ILE B 166 4.39 1.71 10.60
N LEU B 167 4.59 1.74 11.92
CA LEU B 167 5.73 2.40 12.54
C LEU B 167 7.07 1.83 12.05
N LEU B 168 7.14 0.50 11.96
CA LEU B 168 8.38 -0.12 11.54
C LEU B 168 8.58 -0.12 9.99
N ASN B 169 7.48 -0.05 9.23
CA ASN B 169 7.59 -0.15 7.75
C ASN B 169 7.73 1.15 6.95
N SER B 170 7.28 2.30 7.47
CA SER B 170 7.02 3.45 6.59
C SER B 170 8.27 4.24 6.15
N GLY B 171 9.35 4.07 6.88
CA GLY B 171 10.60 4.69 6.54
C GLY B 171 11.66 3.65 6.30
N VAL B 172 11.24 2.42 6.00
CA VAL B 172 12.15 1.25 6.06
C VAL B 172 13.15 1.25 4.90
N TYR B 173 12.68 1.67 3.72
CA TYR B 173 13.48 1.72 2.49
C TYR B 173 13.75 3.17 2.09
N LYS B 186 18.72 -2.30 9.96
CA LYS B 186 17.81 -2.58 8.84
C LYS B 186 17.41 -4.05 8.75
N ASP B 187 18.37 -4.95 9.02
CA ASP B 187 18.05 -6.39 9.22
C ASP B 187 17.18 -6.55 10.49
N HIS B 188 17.44 -5.73 11.50
CA HIS B 188 16.71 -5.78 12.77
C HIS B 188 15.22 -5.37 12.68
N ILE B 189 14.93 -4.30 11.93
CA ILE B 189 13.56 -3.89 11.64
C ILE B 189 12.73 -5.05 11.03
N HIS B 190 13.35 -5.75 10.09
CA HIS B 190 12.71 -6.84 9.40
C HIS B 190 12.51 -8.10 10.23
N ARG B 191 13.39 -8.31 11.22
CA ARG B 191 13.15 -9.36 12.22
C ARG B 191 11.94 -9.08 13.09
N VAL B 192 11.82 -7.83 13.54
CA VAL B 192 10.66 -7.45 14.33
C VAL B 192 9.39 -7.56 13.48
N LEU B 193 9.45 -7.14 12.21
CA LEU B 193 8.31 -7.23 11.33
C LEU B 193 7.83 -8.67 11.19
N ASP B 194 8.72 -9.57 10.80
CA ASP B 194 8.44 -11.02 10.81
C ASP B 194 7.83 -11.53 12.14
N LYS B 195 8.35 -11.07 13.26
CA LYS B 195 7.72 -11.44 14.50
C LYS B 195 6.27 -10.96 14.63
N ILE B 196 5.99 -9.74 14.20
CA ILE B 196 4.61 -9.26 14.26
C ILE B 196 3.75 -10.06 13.27
N THR B 197 4.31 -10.41 12.11
CA THR B 197 3.57 -11.24 11.16
C THR B 197 3.14 -12.53 11.86
N ASP B 198 4.14 -13.23 12.42
CA ASP B 198 3.93 -14.46 13.16
C ASP B 198 2.84 -14.28 14.24
N THR B 199 2.93 -13.14 14.93
CA THR B 199 1.96 -12.80 15.96
C THR B 199 0.52 -12.65 15.42
N LEU B 200 0.34 -11.93 14.29
CA LEU B 200 -0.95 -11.78 13.62
C LEU B 200 -1.53 -13.14 13.21
N ILE B 201 -0.69 -13.97 12.59
CA ILE B 201 -1.08 -15.31 12.24
C ILE B 201 -1.52 -16.16 13.49
N HIS B 202 -0.79 -16.09 14.60
CA HIS B 202 -1.16 -16.81 15.81
C HIS B 202 -2.54 -16.40 16.37
N LEU B 203 -2.82 -15.10 16.41
CA LEU B 203 -4.16 -14.61 16.76
C LEU B 203 -5.22 -15.18 15.84
N MET B 204 -4.92 -15.22 14.55
CA MET B 204 -5.83 -15.77 13.58
C MET B 204 -6.08 -17.27 13.78
N ALA B 205 -4.99 -17.99 14.03
CA ALA B 205 -5.05 -19.41 14.40
C ALA B 205 -5.86 -19.62 15.68
N LYS B 206 -5.62 -18.76 16.68
CA LYS B 206 -6.33 -18.84 17.96
C LYS B 206 -7.83 -18.70 17.77
N ALA B 207 -8.27 -17.91 16.80
CA ALA B 207 -9.70 -17.65 16.58
C ALA B 207 -10.39 -18.69 15.67
N GLY B 208 -9.65 -19.70 15.26
CA GLY B 208 -10.20 -20.84 14.54
C GLY B 208 -10.14 -20.74 13.03
N LEU B 209 -9.42 -19.76 12.50
CA LEU B 209 -9.28 -19.66 11.04
C LEU B 209 -8.44 -20.82 10.46
N THR B 210 -8.91 -21.38 9.34
CA THR B 210 -8.15 -22.41 8.66
C THR B 210 -6.81 -21.80 8.19
N LEU B 211 -5.88 -22.66 7.84
CA LEU B 211 -4.58 -22.22 7.32
C LEU B 211 -4.69 -21.35 6.06
N GLN B 212 -5.67 -21.63 5.21
CA GLN B 212 -5.90 -20.81 4.02
C GLN B 212 -6.51 -19.44 4.39
N GLN B 213 -7.53 -19.45 5.25
CA GLN B 213 -8.15 -18.22 5.79
C GLN B 213 -7.14 -17.25 6.43
N GLN B 214 -6.15 -17.80 7.13
CA GLN B 214 -5.08 -17.06 7.79
C GLN B 214 -4.25 -16.25 6.83
N HIS B 215 -3.77 -16.91 5.77
CA HIS B 215 -2.95 -16.21 4.79
C HIS B 215 -3.77 -15.19 4.00
N GLN B 216 -5.05 -15.53 3.77
CA GLN B 216 -5.94 -14.66 3.01
C GLN B 216 -6.19 -13.38 3.83
N ARG B 217 -6.55 -13.55 5.10
CA ARG B 217 -6.82 -12.44 6.00
C ARG B 217 -5.59 -11.57 6.21
N LEU B 218 -4.44 -12.18 6.49
CA LEU B 218 -3.17 -11.45 6.64
C LEU B 218 -2.94 -10.56 5.45
N ALA B 219 -3.09 -11.10 4.23
CA ALA B 219 -2.95 -10.30 3.04
C ALA B 219 -3.94 -9.17 2.99
N GLN B 220 -5.21 -9.45 3.16
CA GLN B 220 -6.26 -8.42 3.10
C GLN B 220 -5.93 -7.24 4.01
N LEU B 221 -5.39 -7.54 5.21
CA LEU B 221 -5.01 -6.50 6.14
C LEU B 221 -3.77 -5.69 5.70
N LEU B 222 -2.71 -6.36 5.22
CA LEU B 222 -1.52 -5.60 4.84
C LEU B 222 -1.75 -4.83 3.54
N LEU B 223 -2.66 -5.26 2.69
CA LEU B 223 -3.06 -4.42 1.53
C LEU B 223 -3.84 -3.15 1.92
N ILE B 224 -4.59 -3.22 3.01
CA ILE B 224 -5.14 -1.99 3.55
C ILE B 224 -4.00 -1.00 3.85
N LEU B 225 -2.83 -1.49 4.26
CA LEU B 225 -1.70 -0.58 4.56
C LEU B 225 -1.24 0.22 3.38
N SER B 226 -1.42 -0.28 2.16
CA SER B 226 -1.15 0.52 1.00
C SER B 226 -2.01 1.74 0.95
N HIS B 227 -3.29 1.54 1.14
CA HIS B 227 -4.26 2.63 1.09
C HIS B 227 -4.06 3.67 2.18
N ILE B 228 -3.69 3.24 3.39
CA ILE B 228 -3.32 4.13 4.49
C ILE B 228 -2.07 5.05 4.14
N ARG B 229 -1.07 4.44 3.52
CA ARG B 229 0.06 5.18 3.02
C ARG B 229 -0.41 6.24 2.03
N HIS B 230 -1.25 5.84 1.09
CA HIS B 230 -1.79 6.79 0.09
C HIS B 230 -2.51 8.01 0.73
N MET B 231 -3.43 7.74 1.64
CA MET B 231 -4.09 8.78 2.44
C MET B 231 -3.10 9.74 3.15
N SER B 232 -2.12 9.18 3.82
CA SER B 232 -1.07 9.99 4.45
C SER B 232 -0.42 10.93 3.45
N ASN B 233 -0.05 10.40 2.29
CA ASN B 233 0.55 11.22 1.21
C ASN B 233 -0.37 12.34 0.78
N LYS B 234 -1.65 12.02 0.58
CA LYS B 234 -2.65 13.01 0.16
C LYS B 234 -2.84 14.03 1.27
N GLY B 235 -2.91 13.54 2.51
CA GLY B 235 -3.01 14.37 3.70
C GLY B 235 -1.85 15.33 3.87
N MET B 236 -0.63 14.85 3.64
CA MET B 236 0.60 15.68 3.73
C MET B 236 0.59 16.78 2.70
N GLU B 237 0.22 16.43 1.46
CA GLU B 237 0.08 17.39 0.34
C GLU B 237 -0.80 18.54 0.72
N HIS B 238 -1.97 18.20 1.25
CA HIS B 238 -2.95 19.19 1.68
C HIS B 238 -2.45 20.09 2.80
N LEU B 239 -1.73 19.52 3.76
CA LEU B 239 -1.18 20.30 4.89
C LEU B 239 -0.02 21.25 4.49
N TYR B 240 0.57 21.04 3.32
CA TYR B 240 1.50 22.02 2.70
C TYR B 240 0.75 23.01 1.77
N SER B 241 -0.58 22.92 1.72
CA SER B 241 -1.45 23.91 1.08
C SER B 241 -1.97 24.93 2.11
N MET B 242 -1.11 25.30 3.05
CA MET B 242 -1.44 26.20 4.17
C MET B 242 -0.22 26.98 4.65
N LEU B 254 9.85 15.29 19.47
CA LEU B 254 10.45 14.06 18.96
C LEU B 254 11.86 13.90 19.51
N LEU B 255 12.79 14.68 18.99
CA LEU B 255 14.16 14.74 19.51
C LEU B 255 14.21 14.80 21.03
N GLU B 256 13.31 15.59 21.63
CA GLU B 256 13.16 15.64 23.09
C GLU B 256 12.50 14.38 23.71
N MET B 257 11.25 14.10 23.36
CA MET B 257 10.50 13.00 23.98
C MET B 257 11.15 11.68 23.65
N LEU B 258 11.95 11.65 22.58
CA LEU B 258 12.63 10.44 22.13
C LEU B 258 13.97 10.29 22.78
N ASP B 259 14.74 11.37 22.82
CA ASP B 259 16.03 11.36 23.47
C ASP B 259 15.80 11.49 24.97
C1 85Z C . 11.44 7.89 -12.74
C2 85Z C . 10.13 8.64 -12.62
C3 85Z C . 10.09 9.82 -11.91
C4 85Z C . 8.90 10.50 -11.81
C5 85Z C . 7.74 10.08 -12.37
C6 85Z C . 7.75 8.90 -13.09
C7 85Z C . 8.94 8.19 -13.22
C8 85Z C . 8.89 6.95 -13.97
C9 85Z C . 8.76 6.94 -15.32
C10 85Z C . 8.66 5.66 -15.99
C11 85Z C . 8.55 5.52 -17.37
C12 85Z C . 8.48 4.28 -17.95
C13 85Z C . 8.50 3.14 -17.15
C14 85Z C . 8.63 3.24 -15.78
C15 85Z C . 8.71 4.50 -15.23
O16 85Z C . 8.83 4.54 -13.85
C17 85Z C . 8.89 5.74 -13.18
O18 85Z C . 8.97 5.67 -11.97
O19 85Z C . 8.41 1.90 -17.68
C20 85Z C . 8.80 8.18 -16.16
C21 85Z C . 7.50 8.72 -16.68
C22 85Z C . 7.52 9.94 -17.34
C23 85Z C . 6.36 10.49 -17.85
C24 85Z C . 5.15 9.82 -17.72
C25 85Z C . 5.13 8.60 -17.05
C26 85Z C . 6.29 8.06 -16.54
C27 85Z C . 3.97 10.42 -18.32
C28 85Z C . 3.02 9.68 -18.87
C29 85Z C . 1.96 10.43 -19.55
O30 85Z C . 2.07 11.64 -19.65
O31 85Z C . 1.00 9.74 -20.10
F32 85Z C . 8.88 11.66 -11.09
C1 85Z D . -8.65 14.53 8.01
C2 85Z D . -7.25 15.02 7.66
C3 85Z D . -7.05 15.72 6.47
C4 85Z D . -5.80 16.16 6.16
C5 85Z D . -4.69 15.94 6.93
C6 85Z D . -4.87 15.22 8.10
C7 85Z D . -6.14 14.76 8.46
C8 85Z D . -6.24 14.04 9.74
C9 85Z D . -6.16 14.69 10.92
C10 85Z D . -6.20 13.90 12.15
C11 85Z D . -6.16 14.46 13.43
C12 85Z D . -6.18 13.64 14.55
C13 85Z D . -6.27 12.26 14.41
C14 85Z D . -6.30 11.69 13.15
C15 85Z D . -6.26 12.52 12.05
O16 85Z D . -6.31 11.89 10.83
C17 85Z D . -6.29 12.59 9.66
O18 85Z D . -6.35 11.94 8.65
O19 85Z D . -6.30 11.42 15.49
C20 85Z D . -6.16 16.19 11.02
C21 85Z D . -4.86 16.91 11.21
C22 85Z D . -3.68 16.26 11.55
C23 85Z D . -2.51 16.96 11.76
C24 85Z D . -2.48 18.35 11.64
C25 85Z D . -3.67 19.00 11.31
C26 85Z D . -4.83 18.29 11.11
C27 85Z D . -1.27 19.13 11.86
C28 85Z D . -1.03 20.37 11.42
C29 85Z D . 0.23 21.06 11.75
O30 85Z D . 0.37 22.26 11.46
O31 85Z D . 1.14 20.37 12.36
F32 85Z D . -5.61 16.84 4.99
#